data_6W53
#
_entry.id   6W53
#
_cell.length_a   73.172
_cell.length_b   73.172
_cell.length_c   233.069
_cell.angle_alpha   90.000
_cell.angle_beta   90.000
_cell.angle_gamma   90.000
#
_symmetry.space_group_name_H-M   'P 43 21 2'
#
loop_
_entity.id
_entity.type
_entity.pdbx_description
1 polymer 'Malic enzyme'
2 non-polymer N-(2-chloro-5-{[4-(trifluoromethoxy)phenyl]sulfamoyl}phenyl)-3,5-difluorobenzamide
3 non-polymer '4-(2-HYDROXYETHYL)-1-PIPERAZINE ETHANESULFONIC ACID'
4 water water
#
_entity_poly.entity_id   1
_entity_poly.type   'polypeptide(L)'
_entity_poly.pdbx_seq_one_letter_code
;QGRAILTDRYINRGTAFTMEERQKLHILGRLPPVVETLEEQVARVYGQVKKYEKPINRYQHLVSVHSTNTTLYYATILAH
LEEMLPIIYTPTVGEACMEYSHLFFRERGVYFNRLYKGQFRNIMRDAGYQKVEVVVITDGSRILGLGDLGSNGIGISIGK
CSLYVAGAGIDPRLIVPVILDVGTNNERYLQDKDYLGMREKRLGDEEFYELLDEFMEAASAEWPNAVIQFEDFSNNHCFD
IMERYQKKYRCFNDDIQGTGAVIAAGFLNAIKLSGVSPLQQRIVVFGAGSAAVGVANNIAALAARMYKFPVQDLVKTFYL
VDTKGLVTTTRGDQLAAHKKLLARTDVSAEDSAKLRTLEEIVRFVKPTTLLGLGGVGPAFTEEIVKMVMQNTERPIIFPL
SNPTSKAEVTPENAYKWTNGAAIVASGSPFPPTTIGGKTFKPSQGNNLYVFPGVGLGCALAQPTHIPEELLLTASESLNL
LTTEGDLREGRLYPPLEDIHNISANVATDVILEAQRMKIDNNKKLPRTRDELLAFVKKAMWKPVYSGEVGEQVL
;
_entity_poly.pdbx_strand_id   A
#
# COMPACT_ATOMS: atom_id res chain seq x y z
N ALA A 4 -17.29 -24.90 -21.85
CA ALA A 4 -17.19 -24.92 -20.32
C ALA A 4 -15.71 -24.91 -19.91
N ILE A 5 -14.83 -24.78 -20.89
CA ILE A 5 -13.36 -24.67 -20.70
C ILE A 5 -13.05 -23.22 -21.01
N LEU A 6 -13.44 -22.83 -22.22
CA LEU A 6 -13.18 -21.51 -22.80
C LEU A 6 -13.90 -20.47 -21.96
N THR A 7 -15.09 -20.78 -21.44
CA THR A 7 -15.98 -19.81 -20.73
C THR A 7 -15.63 -19.73 -19.25
N ASP A 8 -14.76 -20.60 -18.79
CA ASP A 8 -14.27 -20.58 -17.40
C ASP A 8 -12.93 -19.83 -17.40
N ARG A 9 -12.89 -18.62 -16.87
CA ARG A 9 -11.68 -17.74 -16.98
C ARG A 9 -10.50 -18.29 -16.15
N TYR A 10 -10.75 -19.21 -15.22
CA TYR A 10 -9.72 -19.82 -14.34
C TYR A 10 -8.98 -20.95 -15.07
N ILE A 11 -9.64 -21.73 -15.92
CA ILE A 11 -8.96 -22.83 -16.68
C ILE A 11 -8.72 -22.44 -18.15
N ASN A 12 -9.39 -21.43 -18.68
CA ASN A 12 -9.17 -21.03 -20.08
C ASN A 12 -7.69 -20.67 -20.29
N ARG A 13 -7.14 -21.12 -21.39
CA ARG A 13 -5.76 -20.82 -21.84
C ARG A 13 -5.72 -20.13 -23.19
N GLY A 14 -6.87 -20.01 -23.85
CA GLY A 14 -6.92 -19.49 -25.23
C GLY A 14 -5.92 -20.18 -26.12
N THR A 15 -5.12 -19.40 -26.85
CA THR A 15 -4.22 -19.92 -27.89
C THR A 15 -3.14 -20.80 -27.29
N ALA A 16 -3.01 -20.88 -25.96
CA ALA A 16 -1.97 -21.71 -25.32
C ALA A 16 -2.43 -23.17 -25.27
N PHE A 17 -3.68 -23.46 -25.56
CA PHE A 17 -4.14 -24.85 -25.78
C PHE A 17 -3.40 -25.36 -27.00
N THR A 18 -2.66 -26.45 -26.83
CA THR A 18 -1.95 -27.06 -28.00
C THR A 18 -3.03 -27.62 -28.93
N MET A 19 -2.67 -27.88 -30.19
CA MET A 19 -3.58 -28.54 -31.16
C MET A 19 -4.16 -29.83 -30.56
N GLU A 20 -3.30 -30.68 -30.00
CA GLU A 20 -3.66 -31.96 -29.37
C GLU A 20 -4.62 -31.69 -28.21
N GLU A 21 -4.42 -30.63 -27.43
CA GLU A 21 -5.36 -30.32 -26.32
C GLU A 21 -6.70 -29.91 -26.92
N ARG A 22 -6.66 -29.16 -28.01
CA ARG A 22 -7.90 -28.63 -28.63
C ARG A 22 -8.77 -29.82 -29.10
N GLN A 23 -8.12 -30.81 -29.72
CA GLN A 23 -8.76 -32.06 -30.25
C GLN A 23 -9.35 -32.82 -29.07
N LYS A 24 -8.54 -33.08 -28.04
CA LYS A 24 -8.96 -33.82 -26.82
C LYS A 24 -10.11 -33.09 -26.12
N LEU A 25 -10.05 -31.75 -26.05
CA LEU A 25 -11.08 -30.95 -25.35
C LEU A 25 -12.26 -30.61 -26.27
N HIS A 26 -12.25 -31.03 -27.54
CA HIS A 26 -13.36 -30.79 -28.49
C HIS A 26 -13.57 -29.28 -28.60
N ILE A 27 -12.50 -28.49 -28.67
CA ILE A 27 -12.56 -27.03 -28.96
C ILE A 27 -11.71 -26.70 -30.18
N LEU A 28 -11.29 -27.70 -30.94
CA LEU A 28 -10.65 -27.41 -32.22
C LEU A 28 -11.64 -26.59 -33.06
N GLY A 29 -11.20 -25.47 -33.60
CA GLY A 29 -12.11 -24.62 -34.39
C GLY A 29 -12.87 -23.62 -33.55
N ARG A 30 -12.59 -23.51 -32.25
CA ARG A 30 -13.19 -22.42 -31.41
C ARG A 30 -12.16 -21.31 -31.26
N LEU A 31 -10.98 -21.50 -31.82
CA LEU A 31 -9.83 -20.57 -31.65
C LEU A 31 -9.17 -20.44 -33.00
N PRO A 32 -8.49 -19.30 -33.24
CA PRO A 32 -7.62 -19.18 -34.40
C PRO A 32 -6.50 -20.23 -34.29
N PRO A 33 -5.85 -20.62 -35.40
CA PRO A 33 -4.92 -21.76 -35.39
C PRO A 33 -3.55 -21.63 -34.69
N VAL A 34 -3.03 -20.41 -34.53
CA VAL A 34 -1.72 -20.17 -33.86
C VAL A 34 -1.81 -20.78 -32.45
N VAL A 35 -0.77 -21.52 -32.08
CA VAL A 35 -0.52 -21.95 -30.67
C VAL A 35 0.61 -21.07 -30.11
N GLU A 36 0.34 -20.44 -28.98
CA GLU A 36 1.32 -19.57 -28.26
C GLU A 36 1.65 -20.18 -26.90
N THR A 37 2.84 -19.85 -26.40
CA THR A 37 3.18 -20.01 -24.96
C THR A 37 2.58 -18.86 -24.16
N LEU A 38 2.56 -18.98 -22.85
CA LEU A 38 2.05 -17.89 -21.98
C LEU A 38 2.84 -16.62 -22.23
N GLU A 39 4.17 -16.74 -22.30
CA GLU A 39 5.08 -15.59 -22.51
C GLU A 39 4.68 -14.85 -23.77
N GLU A 40 4.37 -15.60 -24.83
CA GLU A 40 3.99 -14.99 -26.14
C GLU A 40 2.63 -14.30 -25.97
N GLN A 41 1.72 -14.89 -25.21
CA GLN A 41 0.37 -14.32 -25.01
C GLN A 41 0.54 -12.99 -24.29
N VAL A 42 1.47 -12.97 -23.34
CA VAL A 42 1.70 -11.77 -22.49
C VAL A 42 2.21 -10.63 -23.35
N ALA A 43 3.14 -10.91 -24.26
CA ALA A 43 3.74 -9.92 -25.16
C ALA A 43 2.64 -9.37 -26.08
N ARG A 44 1.71 -10.25 -26.50
CA ARG A 44 0.58 -9.87 -27.40
C ARG A 44 -0.36 -8.94 -26.62
N VAL A 45 -0.72 -9.34 -25.42
CA VAL A 45 -1.62 -8.54 -24.55
C VAL A 45 -0.95 -7.19 -24.31
N TYR A 46 0.32 -7.19 -23.92
CA TYR A 46 1.09 -5.94 -23.70
C TYR A 46 0.95 -5.00 -24.93
N GLY A 47 1.15 -5.50 -26.14
CA GLY A 47 0.97 -4.64 -27.33
C GLY A 47 -0.48 -4.17 -27.45
N GLN A 48 -1.47 -5.02 -27.13
CA GLN A 48 -2.90 -4.63 -27.17
C GLN A 48 -3.12 -3.45 -26.19
N VAL A 49 -2.53 -3.49 -25.00
CA VAL A 49 -2.69 -2.43 -23.95
C VAL A 49 -2.17 -1.09 -24.49
N LYS A 50 -0.97 -1.11 -25.06
CA LYS A 50 -0.29 0.11 -25.57
C LYS A 50 -0.96 0.59 -26.85
N LYS A 51 -1.88 -0.15 -27.45
CA LYS A 51 -2.72 0.35 -28.55
C LYS A 51 -3.72 1.38 -28.03
N TYR A 52 -3.94 1.48 -26.71
CA TYR A 52 -4.78 2.53 -26.09
C TYR A 52 -3.89 3.62 -25.52
N GLU A 53 -4.33 4.87 -25.65
CA GLU A 53 -3.58 6.07 -25.17
C GLU A 53 -3.94 6.40 -23.73
N LYS A 54 -5.22 6.34 -23.37
CA LYS A 54 -5.67 6.81 -22.03
C LYS A 54 -5.53 5.68 -21.01
N PRO A 55 -5.03 5.95 -19.78
CA PRO A 55 -5.03 4.95 -18.72
C PRO A 55 -6.35 4.21 -18.54
N ILE A 56 -7.47 4.93 -18.56
CA ILE A 56 -8.81 4.32 -18.28
C ILE A 56 -9.15 3.30 -19.38
N ASN A 57 -8.79 3.58 -20.64
CA ASN A 57 -9.02 2.62 -21.75
C ASN A 57 -8.03 1.44 -21.64
N ARG A 58 -6.80 1.65 -21.19
CA ARG A 58 -5.87 0.53 -20.89
C ARG A 58 -6.49 -0.33 -19.81
N TYR A 59 -7.08 0.28 -18.79
CA TYR A 59 -7.63 -0.50 -17.66
C TYR A 59 -8.78 -1.33 -18.20
N GLN A 60 -9.65 -0.68 -18.98
CA GLN A 60 -10.81 -1.31 -19.63
C GLN A 60 -10.36 -2.56 -20.39
N HIS A 61 -9.30 -2.46 -21.21
CA HIS A 61 -8.78 -3.65 -21.92
C HIS A 61 -8.37 -4.72 -20.90
N LEU A 62 -7.62 -4.35 -19.87
CA LEU A 62 -7.13 -5.36 -18.89
C LEU A 62 -8.29 -6.03 -18.16
N VAL A 63 -9.40 -5.33 -17.92
CA VAL A 63 -10.57 -5.93 -17.20
C VAL A 63 -11.12 -7.05 -18.08
N SER A 64 -11.21 -6.81 -19.37
CA SER A 64 -11.71 -7.80 -20.36
C SER A 64 -10.73 -9.00 -20.48
N VAL A 65 -9.41 -8.79 -20.42
CA VAL A 65 -8.40 -9.89 -20.30
C VAL A 65 -8.70 -10.72 -19.03
N HIS A 66 -8.85 -10.10 -17.86
CA HIS A 66 -9.17 -10.80 -16.58
C HIS A 66 -10.45 -11.65 -16.75
N SER A 67 -11.47 -11.16 -17.47
CA SER A 67 -12.78 -11.85 -17.63
C SER A 67 -12.68 -13.09 -18.49
N THR A 68 -11.69 -13.13 -19.37
CA THR A 68 -11.57 -14.19 -20.39
C THR A 68 -10.57 -15.25 -19.95
N ASN A 69 -9.40 -14.80 -19.47
CA ASN A 69 -8.22 -15.66 -19.16
C ASN A 69 -7.51 -15.00 -17.98
N THR A 70 -7.84 -15.44 -16.77
CA THR A 70 -7.38 -14.81 -15.50
C THR A 70 -5.89 -15.08 -15.34
N THR A 71 -5.43 -16.25 -15.76
CA THR A 71 -3.99 -16.60 -15.68
C THR A 71 -3.18 -15.58 -16.49
N LEU A 72 -3.58 -15.33 -17.73
CA LEU A 72 -2.92 -14.37 -18.65
C LEU A 72 -2.96 -12.95 -18.11
N TYR A 73 -4.06 -12.58 -17.47
CA TYR A 73 -4.16 -11.23 -16.84
C TYR A 73 -2.99 -11.07 -15.86
N TYR A 74 -2.86 -11.97 -14.89
CA TYR A 74 -1.85 -11.86 -13.81
C TYR A 74 -0.44 -12.01 -14.39
N ALA A 75 -0.27 -12.88 -15.38
CA ALA A 75 1.04 -13.04 -16.07
C ALA A 75 1.48 -11.72 -16.69
N THR A 76 0.56 -10.96 -17.28
CA THR A 76 0.85 -9.67 -17.95
C THR A 76 1.25 -8.64 -16.89
N ILE A 77 0.51 -8.54 -15.80
CA ILE A 77 0.75 -7.52 -14.72
C ILE A 77 2.15 -7.78 -14.17
N LEU A 78 2.47 -9.03 -13.83
CA LEU A 78 3.78 -9.39 -13.22
C LEU A 78 4.95 -9.12 -14.17
N ALA A 79 4.76 -9.29 -15.48
CA ALA A 79 5.81 -9.06 -16.48
C ALA A 79 6.01 -7.55 -16.71
N HIS A 80 5.06 -6.71 -16.34
CA HIS A 80 5.11 -5.25 -16.62
C HIS A 80 4.65 -4.49 -15.38
N LEU A 81 5.03 -4.94 -14.19
CA LEU A 81 4.42 -4.49 -12.91
C LEU A 81 4.54 -2.97 -12.74
N GLU A 82 5.74 -2.41 -12.92
CA GLU A 82 6.00 -0.98 -12.60
C GLU A 82 5.10 -0.14 -13.51
N GLU A 83 5.05 -0.47 -14.79
CA GLU A 83 4.26 0.29 -15.78
C GLU A 83 2.76 0.08 -15.53
N MET A 84 2.32 -1.15 -15.22
CA MET A 84 0.88 -1.51 -15.06
C MET A 84 0.29 -0.96 -13.75
N LEU A 85 1.10 -0.76 -12.71
CA LEU A 85 0.57 -0.40 -11.36
C LEU A 85 -0.27 0.88 -11.36
N PRO A 86 0.17 1.99 -12.00
CA PRO A 86 -0.62 3.23 -12.05
C PRO A 86 -1.94 3.11 -12.82
N ILE A 87 -2.04 2.03 -13.61
CA ILE A 87 -3.24 1.71 -14.42
C ILE A 87 -4.21 0.86 -13.58
N ILE A 88 -3.73 -0.15 -12.86
CA ILE A 88 -4.65 -1.12 -12.20
C ILE A 88 -4.90 -0.71 -10.75
N TYR A 89 -4.29 0.35 -10.25
CA TYR A 89 -4.61 0.92 -8.93
C TYR A 89 -4.32 2.43 -8.98
N THR A 90 -3.87 3.05 -7.90
CA THR A 90 -3.80 4.53 -7.84
C THR A 90 -2.90 5.03 -8.97
N PRO A 91 -3.22 6.11 -9.72
CA PRO A 91 -4.46 6.90 -9.59
C PRO A 91 -5.58 6.53 -10.55
N THR A 92 -5.34 5.63 -11.50
CA THR A 92 -6.39 5.29 -12.49
C THR A 92 -7.62 4.74 -11.77
N VAL A 93 -7.46 3.90 -10.77
CA VAL A 93 -8.61 3.17 -10.17
C VAL A 93 -9.66 4.15 -9.59
N GLY A 94 -9.22 5.22 -8.91
CA GLY A 94 -10.12 6.25 -8.34
C GLY A 94 -10.92 6.92 -9.45
N GLU A 95 -10.25 7.28 -10.55
CA GLU A 95 -10.91 7.90 -11.74
C GLU A 95 -11.88 6.90 -12.37
N ALA A 96 -11.55 5.61 -12.47
CA ALA A 96 -12.49 4.57 -12.94
C ALA A 96 -13.71 4.53 -12.00
N CYS A 97 -13.49 4.42 -10.69
CA CYS A 97 -14.61 4.43 -9.72
C CYS A 97 -15.47 5.70 -9.89
N MET A 98 -14.87 6.89 -9.96
CA MET A 98 -15.59 8.19 -9.99
C MET A 98 -16.46 8.31 -11.27
N GLU A 99 -15.97 7.92 -12.43
CA GLU A 99 -16.62 8.27 -13.74
C GLU A 99 -16.94 7.02 -14.56
N TYR A 100 -16.37 5.85 -14.26
CA TYR A 100 -16.46 4.67 -15.14
C TYR A 100 -16.72 3.43 -14.30
N SER A 101 -17.62 3.55 -13.33
CA SER A 101 -17.81 2.52 -12.30
C SER A 101 -18.30 1.21 -12.93
N HIS A 102 -18.88 1.30 -14.15
CA HIS A 102 -19.32 0.11 -14.93
C HIS A 102 -18.15 -0.85 -15.16
N LEU A 103 -16.89 -0.40 -15.08
CA LEU A 103 -15.72 -1.28 -15.34
C LEU A 103 -15.57 -2.32 -14.23
N PHE A 104 -16.28 -2.16 -13.10
CA PHE A 104 -16.23 -3.08 -11.94
C PHE A 104 -17.48 -3.98 -11.84
N PHE A 105 -18.45 -3.84 -12.75
CA PHE A 105 -19.73 -4.57 -12.59
C PHE A 105 -19.54 -6.10 -12.60
N ARG A 106 -18.61 -6.63 -13.37
CA ARG A 106 -18.49 -8.09 -13.62
C ARG A 106 -17.63 -8.76 -12.56
N GLU A 107 -17.10 -7.98 -11.61
CA GLU A 107 -16.12 -8.48 -10.61
C GLU A 107 -16.90 -8.93 -9.37
N ARG A 108 -16.59 -10.12 -8.93
CA ARG A 108 -17.30 -10.75 -7.81
C ARG A 108 -16.98 -9.90 -6.61
N GLY A 109 -18.00 -9.37 -5.96
CA GLY A 109 -17.82 -8.68 -4.69
C GLY A 109 -19.09 -8.69 -3.87
N VAL A 110 -19.03 -8.05 -2.73
CA VAL A 110 -20.12 -8.11 -1.74
C VAL A 110 -20.42 -6.66 -1.36
N TYR A 111 -21.69 -6.31 -1.47
CA TYR A 111 -22.25 -4.98 -1.18
C TYR A 111 -23.04 -5.08 0.12
N PHE A 112 -22.65 -4.31 1.13
CA PHE A 112 -23.47 -4.13 2.36
C PHE A 112 -24.04 -2.72 2.45
N ASN A 113 -25.16 -2.62 3.19
CA ASN A 113 -25.86 -1.36 3.54
C ASN A 113 -26.87 -1.62 4.67
N ARG A 114 -27.45 -0.54 5.20
CA ARG A 114 -28.42 -0.62 6.33
C ARG A 114 -29.66 -1.45 5.95
N LEU A 115 -30.04 -1.56 4.67
CA LEU A 115 -31.28 -2.32 4.30
C LEU A 115 -31.10 -3.79 4.69
N TYR A 116 -29.86 -4.27 4.80
CA TYR A 116 -29.53 -5.69 5.00
C TYR A 116 -29.14 -5.90 6.46
N LYS A 117 -29.42 -4.89 7.29
CA LYS A 117 -29.05 -4.98 8.71
C LYS A 117 -29.60 -6.29 9.28
N GLY A 118 -28.77 -6.98 10.07
CA GLY A 118 -29.08 -8.27 10.70
C GLY A 118 -28.91 -9.46 9.76
N GLN A 119 -28.77 -9.26 8.45
CA GLN A 119 -28.60 -10.39 7.49
C GLN A 119 -27.15 -10.44 6.99
N PHE A 120 -26.19 -9.72 7.58
CA PHE A 120 -24.81 -9.68 7.02
C PHE A 120 -24.28 -11.10 6.88
N ARG A 121 -24.50 -11.93 7.89
CA ARG A 121 -23.91 -13.29 7.91
C ARG A 121 -24.50 -14.15 6.79
N ASN A 122 -25.80 -14.09 6.56
CA ASN A 122 -26.46 -14.90 5.50
C ASN A 122 -25.96 -14.45 4.13
N ILE A 123 -25.69 -13.15 3.95
CA ILE A 123 -25.18 -12.64 2.65
C ILE A 123 -23.79 -13.23 2.45
N MET A 124 -22.99 -13.25 3.51
CA MET A 124 -21.62 -13.83 3.40
C MET A 124 -21.73 -15.31 3.06
N ARG A 125 -22.56 -16.08 3.76
CA ARG A 125 -22.71 -17.53 3.49
C ARG A 125 -23.09 -17.72 2.02
N ASP A 126 -24.16 -17.05 1.56
CA ASP A 126 -24.73 -17.17 0.19
C ASP A 126 -23.69 -16.81 -0.88
N ALA A 127 -22.68 -15.99 -0.56
CA ALA A 127 -21.69 -15.55 -1.56
C ALA A 127 -20.90 -16.76 -2.06
N GLY A 128 -20.91 -17.86 -1.29
CA GLY A 128 -20.43 -19.18 -1.72
C GLY A 128 -18.91 -19.27 -1.84
N TYR A 129 -18.18 -18.73 -0.86
CA TYR A 129 -16.70 -18.77 -0.86
C TYR A 129 -16.25 -19.97 -0.03
N GLN A 130 -15.06 -20.48 -0.33
CA GLN A 130 -14.41 -21.59 0.41
C GLN A 130 -13.54 -20.92 1.48
N LYS A 131 -12.28 -21.32 1.66
CA LYS A 131 -11.45 -20.87 2.81
C LYS A 131 -10.90 -19.46 2.51
N VAL A 132 -11.70 -18.43 2.70
CA VAL A 132 -11.36 -17.03 2.34
C VAL A 132 -10.15 -16.60 3.18
N GLU A 133 -9.14 -16.02 2.53
CA GLU A 133 -7.86 -15.65 3.16
C GLU A 133 -7.77 -14.14 3.36
N VAL A 134 -8.26 -13.35 2.41
CA VAL A 134 -8.15 -11.85 2.48
C VAL A 134 -9.50 -11.20 2.10
N VAL A 135 -9.90 -10.18 2.85
CA VAL A 135 -11.09 -9.32 2.60
C VAL A 135 -10.64 -7.86 2.61
N VAL A 136 -10.89 -7.13 1.53
CA VAL A 136 -10.65 -5.68 1.48
C VAL A 136 -12.01 -4.98 1.58
N ILE A 137 -12.16 -4.17 2.61
CA ILE A 137 -13.42 -3.43 2.80
C ILE A 137 -13.08 -1.95 2.73
N THR A 138 -13.93 -1.17 2.07
CA THR A 138 -13.93 0.32 2.12
C THR A 138 -15.38 0.80 2.26
N ASP A 139 -15.57 2.07 2.58
CA ASP A 139 -16.90 2.73 2.59
C ASP A 139 -16.94 3.79 1.49
N GLY A 140 -15.87 3.94 0.70
CA GLY A 140 -15.79 4.97 -0.36
C GLY A 140 -15.56 6.37 0.17
N SER A 141 -15.19 6.54 1.45
CA SER A 141 -15.03 7.87 2.06
C SER A 141 -13.68 8.48 1.64
N ILE A 143 -9.60 8.51 2.13
CA ILE A 143 -8.40 9.02 2.89
C ILE A 143 -7.96 10.37 2.28
N GLY A 147 -12.47 12.57 -4.23
CA GLY A 147 -13.79 12.82 -3.64
C GLY A 147 -14.51 11.54 -3.21
N ASP A 148 -15.40 11.65 -2.22
CA ASP A 148 -16.37 10.62 -1.83
C ASP A 148 -16.89 9.82 -3.03
N LEU A 149 -16.70 8.49 -3.04
CA LEU A 149 -17.20 7.65 -4.16
C LEU A 149 -18.40 6.84 -3.71
N GLY A 150 -18.74 6.86 -2.42
CA GLY A 150 -19.84 6.02 -1.90
C GLY A 150 -19.75 4.58 -2.42
N SER A 151 -20.83 4.08 -2.96
CA SER A 151 -20.93 2.67 -3.43
C SER A 151 -19.83 2.35 -4.47
N ASN A 152 -19.42 3.32 -5.28
CA ASN A 152 -18.43 3.14 -6.37
C ASN A 152 -17.06 2.80 -5.77
N GLY A 153 -16.92 2.94 -4.45
CA GLY A 153 -15.73 2.49 -3.71
C GLY A 153 -15.47 1.00 -3.87
N ILE A 154 -16.47 0.22 -4.27
CA ILE A 154 -16.26 -1.24 -4.54
C ILE A 154 -15.06 -1.42 -5.48
N GLY A 155 -14.86 -0.51 -6.42
CA GLY A 155 -13.72 -0.53 -7.37
C GLY A 155 -12.37 -0.49 -6.67
N ILE A 156 -12.26 0.31 -5.61
CA ILE A 156 -11.05 0.36 -4.74
C ILE A 156 -10.81 -1.01 -4.09
N SER A 157 -11.81 -1.64 -3.48
CA SER A 157 -11.63 -3.00 -2.90
C SER A 157 -11.20 -3.99 -3.99
N ILE A 158 -11.83 -3.92 -5.16
CA ILE A 158 -11.52 -4.84 -6.28
C ILE A 158 -10.05 -4.66 -6.66
N GLY A 159 -9.63 -3.41 -6.93
CA GLY A 159 -8.26 -3.14 -7.39
C GLY A 159 -7.26 -3.65 -6.35
N LYS A 160 -7.58 -3.47 -5.07
CA LYS A 160 -6.66 -3.81 -3.95
C LYS A 160 -6.57 -5.33 -3.82
N CYS A 161 -7.70 -6.04 -3.90
CA CYS A 161 -7.70 -7.54 -3.86
C CYS A 161 -6.77 -8.09 -4.93
N SER A 162 -6.80 -7.50 -6.12
CA SER A 162 -6.04 -7.95 -7.28
C SER A 162 -4.53 -7.80 -6.99
N LEU A 163 -4.13 -6.77 -6.23
CA LEU A 163 -2.69 -6.57 -5.90
C LEU A 163 -2.25 -7.64 -4.90
N TYR A 164 -3.12 -8.14 -4.02
CA TYR A 164 -2.73 -9.27 -3.14
C TYR A 164 -2.50 -10.53 -3.99
N VAL A 165 -3.34 -10.81 -4.99
CA VAL A 165 -3.17 -11.97 -5.92
C VAL A 165 -1.86 -11.80 -6.67
N ALA A 166 -1.63 -10.66 -7.33
CA ALA A 166 -0.40 -10.42 -8.11
C ALA A 166 0.85 -10.43 -7.21
N GLY A 167 0.79 -9.77 -6.05
CA GLY A 167 1.98 -9.47 -5.22
C GLY A 167 2.43 -10.62 -4.33
N ALA A 168 1.48 -11.34 -3.72
CA ALA A 168 1.71 -12.44 -2.75
C ALA A 168 1.11 -13.80 -3.18
N GLY A 169 0.47 -13.91 -4.35
CA GLY A 169 -0.05 -15.23 -4.76
C GLY A 169 -1.13 -15.67 -3.81
N ILE A 170 -1.89 -14.71 -3.27
CA ILE A 170 -3.21 -15.07 -2.70
C ILE A 170 -4.02 -15.67 -3.86
N ASP A 171 -4.58 -16.85 -3.70
CA ASP A 171 -5.38 -17.52 -4.76
C ASP A 171 -6.55 -16.60 -5.11
N PRO A 172 -6.77 -16.28 -6.40
CA PRO A 172 -7.82 -15.33 -6.78
C PRO A 172 -9.23 -15.76 -6.37
N ARG A 173 -9.43 -17.03 -6.04
CA ARG A 173 -10.76 -17.55 -5.58
C ARG A 173 -10.93 -17.38 -4.07
N LEU A 174 -9.90 -16.96 -3.33
CA LEU A 174 -9.88 -16.90 -1.85
C LEU A 174 -9.74 -15.45 -1.39
N ILE A 175 -10.22 -14.51 -2.20
CA ILE A 175 -10.16 -13.07 -1.84
C ILE A 175 -11.48 -12.38 -2.17
N VAL A 176 -11.97 -11.54 -1.25
CA VAL A 176 -13.30 -10.94 -1.33
C VAL A 176 -13.20 -9.43 -1.26
N PRO A 177 -13.64 -8.68 -2.30
CA PRO A 177 -13.81 -7.25 -2.20
C PRO A 177 -15.20 -6.85 -1.69
N VAL A 178 -15.23 -5.86 -0.81
CA VAL A 178 -16.43 -5.48 -0.02
C VAL A 178 -16.58 -3.96 -0.07
N ILE A 179 -17.81 -3.51 -0.33
CA ILE A 179 -18.22 -2.10 -0.12
C ILE A 179 -19.21 -2.13 1.05
N LEU A 180 -18.89 -1.41 2.10
CA LEU A 180 -19.90 -1.00 3.12
C LEU A 180 -20.44 0.36 2.69
N ASP A 181 -21.64 0.36 2.09
CA ASP A 181 -22.33 1.60 1.65
C ASP A 181 -23.11 2.14 2.84
N VAL A 182 -22.59 3.19 3.46
CA VAL A 182 -23.25 3.89 4.59
C VAL A 182 -23.70 5.25 4.08
N GLY A 183 -23.90 5.37 2.77
CA GLY A 183 -24.27 6.64 2.14
C GLY A 183 -23.06 7.36 1.58
N THR A 184 -23.32 8.53 1.00
CA THR A 184 -22.31 9.35 0.33
C THR A 184 -22.65 10.82 0.54
N ASN A 185 -21.62 11.66 0.65
CA ASN A 185 -21.78 13.13 0.74
C ASN A 185 -21.42 13.74 -0.59
N ASN A 186 -21.21 12.91 -1.63
CA ASN A 186 -20.93 13.35 -3.02
C ASN A 186 -22.27 13.83 -3.60
N GLU A 187 -22.42 15.13 -3.80
CA GLU A 187 -23.69 15.79 -4.18
C GLU A 187 -24.07 15.43 -5.62
N ARG A 188 -23.08 15.29 -6.51
CA ARG A 188 -23.37 14.86 -7.90
C ARG A 188 -24.01 13.47 -7.86
N TYR A 189 -23.46 12.55 -7.10
CA TYR A 189 -24.01 11.18 -6.95
C TYR A 189 -25.43 11.29 -6.38
N LEU A 190 -25.63 12.08 -5.34
CA LEU A 190 -26.96 12.13 -4.66
C LEU A 190 -28.03 12.55 -5.69
N GLN A 191 -27.67 13.36 -6.69
CA GLN A 191 -28.56 13.82 -7.79
C GLN A 191 -28.41 12.96 -9.05
N ASP A 192 -27.45 12.02 -9.12
CA ASP A 192 -27.24 11.21 -10.37
C ASP A 192 -28.27 10.06 -10.50
N LYS A 193 -29.08 10.13 -11.56
CA LYS A 193 -30.07 9.09 -11.93
C LYS A 193 -29.39 7.72 -12.06
N ASP A 194 -28.11 7.69 -12.47
CA ASP A 194 -27.35 6.43 -12.69
C ASP A 194 -26.55 5.94 -11.47
N TYR A 195 -26.57 6.65 -10.36
CA TYR A 195 -25.95 6.14 -9.11
C TYR A 195 -26.75 4.95 -8.58
N LEU A 196 -26.09 3.82 -8.28
CA LEU A 196 -26.78 2.56 -7.89
C LEU A 196 -26.67 2.31 -6.38
N GLY A 197 -26.04 3.23 -5.67
CA GLY A 197 -25.87 3.10 -4.21
C GLY A 197 -27.03 3.66 -3.39
N MET A 198 -26.85 3.65 -2.07
CA MET A 198 -27.81 4.24 -1.11
C MET A 198 -27.81 5.75 -1.33
N ARG A 199 -28.94 6.33 -1.73
CA ARG A 199 -29.02 7.75 -2.11
C ARG A 199 -29.38 8.56 -0.86
N GLU A 200 -28.38 8.81 -0.03
CA GLU A 200 -28.58 9.47 1.27
C GLU A 200 -27.19 9.87 1.76
N LYS A 201 -27.14 10.90 2.60
CA LYS A 201 -25.88 11.40 3.16
C LYS A 201 -25.30 10.32 4.09
N ARG A 202 -24.00 10.37 4.39
CA ARG A 202 -23.32 9.37 5.23
C ARG A 202 -24.00 9.32 6.60
N LEU A 203 -24.15 8.11 7.09
CA LEU A 203 -24.76 7.81 8.38
C LEU A 203 -23.90 8.37 9.50
N GLY A 204 -24.52 8.69 10.62
CA GLY A 204 -23.80 9.14 11.81
C GLY A 204 -23.02 8.00 12.40
N ASP A 205 -22.05 8.32 13.24
CA ASP A 205 -21.08 7.36 13.83
C ASP A 205 -21.80 6.21 14.53
N GLU A 206 -22.88 6.46 15.24
CA GLU A 206 -23.57 5.37 15.97
C GLU A 206 -24.05 4.28 14.98
N GLU A 207 -24.82 4.66 13.96
CA GLU A 207 -25.32 3.67 12.97
C GLU A 207 -24.13 3.14 12.14
N PHE A 208 -23.12 3.94 11.86
CA PHE A 208 -21.92 3.51 11.11
C PHE A 208 -21.29 2.33 11.84
N TYR A 209 -21.04 2.46 13.15
CA TYR A 209 -20.36 1.40 13.94
C TYR A 209 -21.30 0.21 14.15
N GLU A 210 -22.60 0.42 14.24
CA GLU A 210 -23.52 -0.74 14.33
C GLU A 210 -23.35 -1.59 13.05
N LEU A 211 -23.27 -0.96 11.90
CA LEU A 211 -23.20 -1.77 10.66
C LEU A 211 -21.79 -2.38 10.56
N LEU A 212 -20.74 -1.59 10.83
CA LEU A 212 -19.35 -2.10 10.70
C LEU A 212 -19.07 -3.15 11.80
N ASP A 213 -19.60 -3.01 13.01
CA ASP A 213 -19.55 -4.11 14.03
C ASP A 213 -20.23 -5.38 13.52
N GLU A 214 -21.41 -5.27 12.92
CA GLU A 214 -22.07 -6.49 12.40
C GLU A 214 -21.16 -7.12 11.31
N PHE A 215 -20.61 -6.29 10.43
CA PHE A 215 -19.67 -6.77 9.39
C PHE A 215 -18.53 -7.59 10.03
N MET A 216 -17.80 -7.01 10.96
CA MET A 216 -16.62 -7.68 11.59
C MET A 216 -17.06 -8.97 12.31
N GLU A 217 -18.19 -8.96 13.02
CA GLU A 217 -18.65 -10.19 13.70
C GLU A 217 -19.01 -11.26 12.65
N ALA A 218 -19.79 -10.89 11.65
CA ALA A 218 -20.26 -11.84 10.61
C ALA A 218 -19.05 -12.43 9.90
N ALA A 219 -18.12 -11.62 9.40
CA ALA A 219 -16.87 -12.11 8.76
C ALA A 219 -16.05 -13.03 9.69
N SER A 220 -15.84 -12.70 10.97
CA SER A 220 -15.01 -13.57 11.85
C SER A 220 -15.65 -14.95 12.02
N ALA A 221 -16.97 -15.04 11.85
CA ALA A 221 -17.76 -16.29 11.94
C ALA A 221 -17.81 -17.01 10.59
N GLU A 222 -18.19 -16.34 9.50
CA GLU A 222 -18.35 -17.04 8.19
C GLU A 222 -17.02 -17.22 7.50
N TRP A 223 -16.13 -16.22 7.59
CA TRP A 223 -14.78 -16.25 6.99
C TRP A 223 -13.70 -16.21 8.08
N PRO A 224 -13.61 -17.28 8.92
CA PRO A 224 -12.80 -17.22 10.15
C PRO A 224 -11.29 -17.14 9.84
N ASN A 225 -10.86 -17.60 8.67
CA ASN A 225 -9.43 -17.69 8.26
C ASN A 225 -9.00 -16.35 7.65
N ALA A 226 -9.89 -15.36 7.48
CA ALA A 226 -9.61 -14.15 6.67
C ALA A 226 -8.80 -13.11 7.44
N VAL A 227 -7.94 -12.43 6.73
CA VAL A 227 -7.40 -11.10 7.13
C VAL A 227 -8.39 -10.05 6.65
N ILE A 228 -8.82 -9.17 7.53
CA ILE A 228 -9.70 -8.04 7.15
C ILE A 228 -8.83 -6.81 6.96
N GLN A 229 -8.77 -6.27 5.77
CA GLN A 229 -7.98 -5.02 5.53
C GLN A 229 -8.90 -3.85 5.18
N PHE A 230 -8.83 -2.79 6.01
CA PHE A 230 -9.51 -1.51 5.76
C PHE A 230 -8.71 -0.68 4.76
N GLU A 231 -9.42 -0.19 3.75
CA GLU A 231 -8.82 0.57 2.63
C GLU A 231 -9.64 1.84 2.40
N ASP A 232 -8.96 2.98 2.40
CA ASP A 232 -9.50 4.23 1.86
C ASP A 232 -10.65 4.74 2.74
N PHE A 233 -10.61 4.52 4.05
CA PHE A 233 -11.51 5.19 5.02
C PHE A 233 -10.92 6.56 5.38
N SER A 234 -11.81 7.56 5.41
CA SER A 234 -11.56 8.95 5.87
C SER A 234 -11.03 9.00 7.31
N ASN A 235 -10.40 10.13 7.63
CA ASN A 235 -9.61 10.38 8.85
C ASN A 235 -10.51 10.35 10.07
N ASN A 236 -11.77 10.77 9.95
CA ASN A 236 -12.75 10.78 11.07
C ASN A 236 -12.97 9.35 11.57
N HIS A 237 -12.63 8.33 10.77
CA HIS A 237 -12.97 6.93 11.19
C HIS A 237 -11.78 5.96 11.16
N CYS A 238 -10.78 6.13 10.30
CA CYS A 238 -9.77 5.06 10.03
C CYS A 238 -8.97 4.68 11.30
N PHE A 239 -8.50 5.68 12.05
CA PHE A 239 -7.74 5.53 13.31
C PHE A 239 -8.66 4.92 14.34
N ASP A 240 -9.88 5.45 14.48
CA ASP A 240 -10.87 4.93 15.48
C ASP A 240 -11.20 3.46 15.18
N ILE A 241 -11.30 3.09 13.89
CA ILE A 241 -11.67 1.72 13.45
C ILE A 241 -10.60 0.75 13.97
N MET A 242 -9.32 1.09 13.76
CA MET A 242 -8.20 0.22 14.20
C MET A 242 -8.21 0.12 15.74
N GLU A 243 -8.48 1.22 16.45
CA GLU A 243 -8.55 1.17 17.93
C GLU A 243 -9.73 0.27 18.38
N ARG A 244 -10.87 0.35 17.70
CA ARG A 244 -12.03 -0.50 18.01
C ARG A 244 -11.73 -1.98 17.79
N TYR A 245 -11.01 -2.38 16.73
CA TYR A 245 -11.02 -3.80 16.26
C TYR A 245 -9.64 -4.47 16.37
N GLN A 246 -8.56 -3.72 16.59
CA GLN A 246 -7.20 -4.29 16.39
C GLN A 246 -7.01 -5.57 17.21
N LYS A 247 -7.53 -5.60 18.42
CA LYS A 247 -7.30 -6.74 19.36
C LYS A 247 -8.38 -7.81 19.15
N LYS A 248 -9.62 -7.47 18.78
CA LYS A 248 -10.71 -8.50 18.73
C LYS A 248 -10.69 -9.29 17.41
N TYR A 249 -10.17 -8.73 16.32
CA TYR A 249 -10.27 -9.36 14.98
C TYR A 249 -8.92 -9.35 14.29
N ARG A 250 -8.84 -10.11 13.21
CA ARG A 250 -7.59 -10.22 12.42
C ARG A 250 -7.64 -9.12 11.35
N CYS A 251 -7.19 -7.90 11.67
CA CYS A 251 -7.39 -6.76 10.75
C CYS A 251 -6.26 -5.74 10.82
N PHE A 252 -6.13 -5.00 9.72
CA PHE A 252 -5.15 -3.91 9.60
C PHE A 252 -5.63 -2.91 8.57
N ASN A 253 -5.06 -1.73 8.61
CA ASN A 253 -5.32 -0.62 7.68
C ASN A 253 -4.03 -0.33 6.92
N ASP A 254 -4.04 -0.54 5.61
CA ASP A 254 -2.83 -0.42 4.77
C ASP A 254 -2.44 1.06 4.65
N ASP A 255 -3.38 1.98 4.50
CA ASP A 255 -3.10 3.44 4.39
C ASP A 255 -2.25 3.88 5.61
N ILE A 256 -2.64 3.46 6.80
CA ILE A 256 -1.93 3.87 8.04
C ILE A 256 -0.70 2.96 8.24
N GLN A 257 -0.92 1.68 8.54
CA GLN A 257 0.14 0.73 8.98
C GLN A 257 1.05 0.30 7.81
N GLY A 258 0.51 0.07 6.61
CA GLY A 258 1.36 -0.32 5.47
C GLY A 258 2.31 0.80 5.05
N THR A 259 1.78 1.99 4.89
CA THR A 259 2.58 3.18 4.51
C THR A 259 3.75 3.37 5.47
N GLY A 260 3.50 3.36 6.77
CA GLY A 260 4.57 3.63 7.74
C GLY A 260 5.61 2.52 7.70
N ALA A 261 5.17 1.26 7.54
CA ALA A 261 6.07 0.10 7.41
C ALA A 261 6.98 0.28 6.19
N VAL A 262 6.47 0.71 5.04
CA VAL A 262 7.26 0.82 3.79
C VAL A 262 8.22 1.99 3.89
N ILE A 263 7.72 3.12 4.40
CA ILE A 263 8.52 4.38 4.43
C ILE A 263 9.69 4.16 5.40
N ALA A 264 9.40 3.60 6.57
CA ALA A 264 10.41 3.32 7.62
C ALA A 264 11.51 2.45 7.02
N ALA A 265 11.15 1.39 6.27
CA ALA A 265 12.17 0.47 5.72
C ALA A 265 13.07 1.25 4.79
N GLY A 266 12.49 2.07 3.90
CA GLY A 266 13.26 2.84 2.91
C GLY A 266 14.09 3.89 3.62
N PHE A 267 13.51 4.59 4.58
CA PHE A 267 14.24 5.64 5.35
C PHE A 267 15.49 5.02 6.02
N LEU A 268 15.42 3.86 6.71
CA LEU A 268 16.60 3.30 7.42
C LEU A 268 17.68 2.96 6.39
N ASN A 269 17.29 2.47 5.21
CA ASN A 269 18.27 2.22 4.12
C ASN A 269 18.85 3.56 3.65
N ALA A 270 18.07 4.64 3.58
CA ALA A 270 18.64 5.96 3.21
C ALA A 270 19.66 6.39 4.27
N ILE A 271 19.40 6.12 5.57
CA ILE A 271 20.38 6.46 6.65
C ILE A 271 21.70 5.70 6.42
N LYS A 272 21.65 4.42 6.05
CA LYS A 272 22.89 3.64 5.81
C LYS A 272 23.66 4.28 4.67
N LEU A 273 23.00 4.65 3.58
CA LEU A 273 23.77 5.22 2.44
C LEU A 273 24.29 6.60 2.81
N SER A 274 23.61 7.34 3.68
CA SER A 274 24.07 8.71 4.04
C SER A 274 25.36 8.62 4.87
N GLY A 275 25.66 7.47 5.50
CA GLY A 275 26.78 7.32 6.48
C GLY A 275 26.54 8.08 7.79
N VAL A 276 25.75 9.21 7.73
CA VAL A 276 25.11 9.97 8.86
C VAL A 276 24.15 9.03 9.60
N SER A 277 24.61 8.42 10.69
CA SER A 277 23.92 7.37 11.48
C SER A 277 22.63 7.88 12.13
N PRO A 278 21.72 7.00 12.60
CA PRO A 278 20.39 7.42 13.05
C PRO A 278 20.35 8.49 14.14
N LEU A 279 21.25 8.43 15.12
CA LEU A 279 21.23 9.39 16.25
C LEU A 279 21.86 10.71 15.81
N GLN A 280 22.56 10.74 14.67
CA GLN A 280 23.14 11.99 14.11
C GLN A 280 22.13 12.61 13.14
N GLN A 281 21.06 11.94 12.80
CA GLN A 281 20.08 12.49 11.82
C GLN A 281 19.35 13.64 12.51
N ARG A 282 19.00 14.65 11.74
CA ARG A 282 18.02 15.68 12.13
C ARG A 282 16.94 15.80 11.09
N ILE A 283 15.72 15.46 11.48
CA ILE A 283 14.69 15.09 10.49
C ILE A 283 13.57 16.10 10.62
N VAL A 284 13.40 16.93 9.60
CA VAL A 284 12.18 17.75 9.47
C VAL A 284 11.08 16.87 8.89
N VAL A 285 10.02 16.73 9.67
CA VAL A 285 8.79 16.03 9.26
C VAL A 285 7.84 17.14 8.86
N PHE A 286 7.74 17.40 7.56
CA PHE A 286 6.85 18.44 7.00
C PHE A 286 5.43 17.88 6.85
N GLY A 287 4.55 18.25 7.76
CA GLY A 287 3.19 17.70 7.84
C GLY A 287 3.07 16.96 9.14
N ALA A 288 1.98 17.22 9.87
CA ALA A 288 1.83 16.77 11.27
C ALA A 288 0.44 16.21 11.52
N GLY A 289 -0.24 15.72 10.49
CA GLY A 289 -1.45 14.90 10.68
C GLY A 289 -1.11 13.59 11.40
N SER A 290 -2.11 12.84 11.85
CA SER A 290 -1.99 11.54 12.54
C SER A 290 -1.17 10.55 11.71
N ALA A 291 -1.37 10.49 10.39
CA ALA A 291 -0.60 9.60 9.50
C ALA A 291 0.89 9.99 9.47
N ALA A 292 1.20 11.27 9.31
CA ALA A 292 2.60 11.78 9.25
C ALA A 292 3.32 11.43 10.56
N VAL A 293 2.63 11.66 11.67
CA VAL A 293 3.19 11.34 13.03
C VAL A 293 3.32 9.82 13.18
N GLY A 294 2.36 9.02 12.67
CA GLY A 294 2.44 7.54 12.59
C GLY A 294 3.69 7.06 11.86
N VAL A 295 3.98 7.66 10.71
CA VAL A 295 5.20 7.35 9.93
C VAL A 295 6.43 7.65 10.80
N ALA A 296 6.45 8.77 11.52
CA ALA A 296 7.66 9.12 12.30
C ALA A 296 7.84 8.06 13.39
N ASN A 297 6.76 7.68 14.04
CA ASN A 297 6.79 6.71 15.14
C ASN A 297 7.26 5.36 14.60
N ASN A 298 6.86 5.02 13.38
CA ASN A 298 7.22 3.71 12.78
C ASN A 298 8.72 3.73 12.50
N ILE A 299 9.28 4.86 12.06
CA ILE A 299 10.74 5.00 11.83
C ILE A 299 11.47 4.80 13.15
N ALA A 300 11.08 5.51 14.19
CA ALA A 300 11.65 5.34 15.55
C ALA A 300 11.56 3.87 15.95
N ALA A 301 10.39 3.24 15.84
CA ALA A 301 10.19 1.85 16.30
C ALA A 301 11.10 0.89 15.54
N LEU A 302 11.26 1.09 14.24
CA LEU A 302 12.11 0.19 13.45
C LEU A 302 13.59 0.39 13.83
N ALA A 303 14.05 1.64 13.89
CA ALA A 303 15.44 1.94 14.32
C ALA A 303 15.69 1.37 15.74
N ALA A 304 14.76 1.49 16.67
CA ALA A 304 14.93 0.90 18.00
C ALA A 304 15.04 -0.64 17.88
N ARG A 305 14.20 -1.26 17.05
CA ARG A 305 14.26 -2.74 16.90
C ARG A 305 15.56 -3.16 16.20
N MET A 306 16.00 -2.45 15.16
CA MET A 306 17.11 -2.96 14.34
C MET A 306 18.46 -2.64 15.01
N TYR A 307 18.50 -1.61 15.87
CA TYR A 307 19.79 -1.04 16.33
C TYR A 307 19.83 -0.89 17.86
N LYS A 308 18.73 -1.15 18.57
CA LYS A 308 18.64 -1.05 20.06
C LYS A 308 19.22 0.27 20.57
N PHE A 309 19.05 1.38 19.86
CA PHE A 309 19.08 2.72 20.50
C PHE A 309 17.83 2.90 21.36
N PRO A 310 17.93 3.60 22.52
CA PRO A 310 16.75 3.98 23.28
C PRO A 310 15.77 4.76 22.37
N VAL A 311 14.50 4.37 22.35
CA VAL A 311 13.49 4.98 21.44
C VAL A 311 13.37 6.49 21.74
N GLN A 312 13.50 6.94 23.00
CA GLN A 312 13.34 8.37 23.36
C GLN A 312 14.47 9.15 22.67
N ASP A 313 15.66 8.55 22.49
CA ASP A 313 16.80 9.18 21.79
C ASP A 313 16.46 9.29 20.30
N LEU A 314 15.79 8.30 19.72
CA LEU A 314 15.37 8.40 18.30
C LEU A 314 14.30 9.50 18.16
N VAL A 315 13.36 9.57 19.10
CA VAL A 315 12.24 10.53 19.02
C VAL A 315 12.82 11.94 18.93
N LYS A 316 13.95 12.20 19.60
CA LYS A 316 14.57 13.56 19.61
C LYS A 316 15.31 13.86 18.32
N THR A 317 15.38 12.97 17.33
CA THR A 317 15.95 13.32 16.00
C THR A 317 14.88 14.01 15.14
N PHE A 318 13.62 14.03 15.57
CA PHE A 318 12.47 14.50 14.72
C PHE A 318 12.10 15.94 15.09
N TYR A 319 11.89 16.76 14.05
CA TYR A 319 11.39 18.14 14.14
C TYR A 319 10.09 18.22 13.34
N LEU A 320 8.96 18.19 14.02
CA LEU A 320 7.63 18.18 13.38
C LEU A 320 7.23 19.60 12.98
N VAL A 321 6.78 19.76 11.74
CA VAL A 321 6.24 21.05 11.22
C VAL A 321 4.78 20.84 10.86
N ASP A 322 3.86 21.51 11.57
CA ASP A 322 2.42 21.67 11.16
C ASP A 322 2.22 23.01 10.43
N THR A 323 0.98 23.40 10.21
CA THR A 323 0.62 24.66 9.49
C THR A 323 1.04 25.91 10.32
N LYS A 324 1.25 25.78 11.63
CA LYS A 324 1.68 26.92 12.50
C LYS A 324 3.19 27.08 12.48
N GLY A 325 3.93 26.00 12.22
CA GLY A 325 5.40 26.02 12.20
C GLY A 325 5.98 24.85 12.99
N LEU A 326 7.16 25.05 13.59
CA LEU A 326 7.85 23.97 14.35
C LEU A 326 6.96 23.66 15.54
N VAL A 327 6.62 22.39 15.74
CA VAL A 327 5.81 21.98 16.92
C VAL A 327 6.78 21.93 18.12
N THR A 328 6.58 22.80 19.11
CA THR A 328 7.36 22.88 20.37
C THR A 328 6.42 22.97 21.57
N THR A 329 6.92 22.75 22.77
CA THR A 329 6.13 22.91 24.02
C THR A 329 6.06 24.39 24.43
N THR A 330 6.93 25.24 23.90
CA THR A 330 7.01 26.68 24.27
C THR A 330 6.30 27.61 23.27
N ARG A 331 5.59 27.11 22.24
CA ARG A 331 5.11 28.02 21.16
C ARG A 331 3.76 28.61 21.58
N GLY A 332 3.12 28.06 22.63
CA GLY A 332 2.05 28.71 23.37
C GLY A 332 0.67 28.28 22.94
N ASP A 333 0.53 27.29 22.06
CA ASP A 333 -0.81 26.77 21.67
C ASP A 333 -1.10 25.46 22.42
N GLN A 334 -2.35 25.01 22.34
CA GLN A 334 -2.85 23.71 22.86
C GLN A 334 -2.64 22.63 21.78
N LEU A 335 -1.57 21.84 21.90
CA LEU A 335 -1.18 20.85 20.85
C LEU A 335 -2.16 19.66 20.86
N ALA A 336 -2.66 19.24 19.68
CA ALA A 336 -3.33 17.92 19.54
C ALA A 336 -2.46 16.80 20.15
N ALA A 337 -3.11 15.75 20.64
CA ALA A 337 -2.46 14.63 21.37
C ALA A 337 -1.35 14.00 20.50
N HIS A 338 -1.63 13.73 19.22
CA HIS A 338 -0.68 13.01 18.35
C HIS A 338 0.60 13.83 18.19
N LYS A 339 0.52 15.17 18.29
CA LYS A 339 1.71 16.05 18.08
C LYS A 339 2.59 16.16 19.33
N LYS A 340 2.07 15.89 20.52
CA LYS A 340 2.80 16.15 21.79
C LYS A 340 4.09 15.34 21.87
N LEU A 341 4.08 14.09 21.43
CA LEU A 341 5.21 13.16 21.70
C LEU A 341 6.43 13.64 20.89
N LEU A 342 6.25 14.24 19.69
CA LEU A 342 7.38 14.71 18.83
C LEU A 342 7.65 16.21 19.03
N ALA A 343 6.90 16.88 19.91
CA ALA A 343 7.09 18.32 20.22
C ALA A 343 8.51 18.55 20.74
N ARG A 344 9.21 19.56 20.20
CA ARG A 344 10.50 19.99 20.79
C ARG A 344 10.25 20.44 22.24
N THR A 345 11.17 20.09 23.14
CA THR A 345 11.25 20.57 24.54
C THR A 345 12.47 21.47 24.69
N ASP A 346 13.29 21.59 23.66
CA ASP A 346 14.62 22.25 23.74
C ASP A 346 14.60 23.52 22.90
N VAL A 347 13.41 24.08 22.66
CA VAL A 347 13.33 25.33 21.86
C VAL A 347 12.53 26.35 22.68
N SER A 348 13.12 27.54 22.81
CA SER A 348 12.62 28.67 23.64
C SER A 348 11.38 29.21 22.96
N ALA A 349 10.49 29.78 23.76
CA ALA A 349 9.27 30.48 23.30
C ALA A 349 9.70 31.52 22.25
N GLU A 350 10.77 32.25 22.53
CA GLU A 350 11.26 33.35 21.66
C GLU A 350 11.69 32.78 20.31
N ASP A 351 12.43 31.67 20.34
CA ASP A 351 12.86 30.99 19.08
C ASP A 351 11.62 30.42 18.37
N SER A 352 10.66 29.84 19.09
CA SER A 352 9.44 29.24 18.47
C SER A 352 8.69 30.30 17.68
N ALA A 353 8.57 31.52 18.22
CA ALA A 353 7.92 32.66 17.55
C ALA A 353 8.65 33.00 16.22
N LYS A 354 9.93 32.68 16.09
CA LYS A 354 10.70 32.95 14.83
C LYS A 354 10.83 31.65 14.02
N LEU A 355 9.98 30.65 14.26
CA LEU A 355 10.12 29.32 13.59
C LEU A 355 8.80 28.87 12.99
N ARG A 356 8.41 29.60 11.93
CA ARG A 356 7.05 29.54 11.35
C ARG A 356 7.10 29.08 9.90
N THR A 357 7.99 29.65 9.07
CA THR A 357 8.11 29.26 7.65
C THR A 357 9.09 28.09 7.57
N LEU A 358 8.95 27.26 6.55
CA LEU A 358 9.84 26.07 6.43
C LEU A 358 11.27 26.55 6.22
N GLU A 359 11.44 27.58 5.41
CA GLU A 359 12.76 28.19 5.13
C GLU A 359 13.48 28.52 6.46
N GLU A 360 12.83 29.22 7.39
CA GLU A 360 13.53 29.68 8.62
C GLU A 360 13.68 28.48 9.59
N ILE A 361 12.74 27.53 9.56
CA ILE A 361 12.84 26.28 10.38
C ILE A 361 14.08 25.51 9.90
N VAL A 362 14.22 25.32 8.59
CA VAL A 362 15.39 24.60 8.01
C VAL A 362 16.69 25.33 8.39
N ARG A 363 16.72 26.67 8.27
CA ARG A 363 17.93 27.46 8.63
C ARG A 363 18.26 27.24 10.12
N PHE A 364 17.26 27.22 11.01
CA PHE A 364 17.47 27.04 12.48
C PHE A 364 17.83 25.58 12.85
N VAL A 365 17.04 24.61 12.38
CA VAL A 365 17.19 23.18 12.79
C VAL A 365 18.47 22.58 12.18
N LYS A 366 18.88 23.03 10.99
CA LYS A 366 20.01 22.40 10.22
C LYS A 366 19.74 20.90 10.04
N PRO A 367 18.64 20.55 9.38
CA PRO A 367 18.31 19.15 9.21
C PRO A 367 19.25 18.48 8.21
N THR A 368 19.35 17.17 8.34
CA THR A 368 20.08 16.29 7.40
C THR A 368 19.07 15.55 6.54
N THR A 369 17.81 15.47 7.00
CA THR A 369 16.69 14.83 6.28
C THR A 369 15.50 15.76 6.15
N LEU A 370 14.82 15.74 4.98
CA LEU A 370 13.46 16.33 4.83
C LEU A 370 12.45 15.23 4.47
N LEU A 371 11.47 15.02 5.35
CA LEU A 371 10.36 14.08 5.08
C LEU A 371 9.11 14.87 4.67
N GLY A 372 8.69 14.72 3.42
CA GLY A 372 7.54 15.42 2.83
C GLY A 372 6.26 14.63 2.99
N LEU A 373 5.43 14.98 4.00
CA LEU A 373 4.15 14.32 4.33
C LEU A 373 3.06 15.39 4.41
N GLY A 374 3.26 16.52 3.73
CA GLY A 374 2.56 17.81 3.99
C GLY A 374 1.25 17.86 3.24
N GLY A 375 1.18 17.21 2.07
CA GLY A 375 -0.02 17.17 1.19
C GLY A 375 -0.38 18.53 0.56
N VAL A 376 0.50 19.56 0.67
CA VAL A 376 0.23 20.99 0.32
C VAL A 376 1.22 21.52 -0.73
N GLY A 377 1.61 20.70 -1.73
CA GLY A 377 2.45 21.14 -2.86
C GLY A 377 3.97 21.17 -2.64
N PRO A 378 4.73 21.80 -3.59
CA PRO A 378 6.20 21.77 -3.60
C PRO A 378 6.99 22.70 -2.65
N ALA A 379 6.90 22.49 -1.34
CA ALA A 379 7.57 23.31 -0.29
C ALA A 379 9.09 23.04 -0.17
N PHE A 380 9.68 22.01 -0.80
CA PHE A 380 11.13 21.74 -0.64
C PHE A 380 11.86 22.49 -1.73
N THR A 381 12.08 23.78 -1.48
CA THR A 381 12.50 24.74 -2.52
C THR A 381 13.98 24.49 -2.82
N GLU A 382 14.43 25.07 -3.93
CA GLU A 382 15.88 25.09 -4.28
C GLU A 382 16.68 25.61 -3.09
N GLU A 383 16.16 26.63 -2.39
CA GLU A 383 16.89 27.36 -1.31
C GLU A 383 17.01 26.40 -0.10
N ILE A 384 15.90 25.77 0.27
CA ILE A 384 15.82 24.73 1.35
C ILE A 384 16.74 23.54 1.02
N VAL A 385 16.71 23.02 -0.20
CA VAL A 385 17.62 21.87 -0.54
C VAL A 385 19.09 22.33 -0.43
N LYS A 386 19.42 23.55 -0.88
CA LYS A 386 20.81 24.09 -0.81
C LYS A 386 21.23 24.16 0.66
N MET A 387 20.33 24.58 1.56
CA MET A 387 20.66 24.63 3.02
C MET A 387 20.95 23.22 3.56
N VAL A 388 20.12 22.23 3.23
CA VAL A 388 20.31 20.85 3.76
C VAL A 388 21.71 20.38 3.30
N MET A 389 22.12 20.74 2.07
CA MET A 389 23.49 20.47 1.54
C MET A 389 24.60 21.02 2.47
N GLN A 390 24.41 22.08 3.25
CA GLN A 390 25.51 22.50 4.17
C GLN A 390 25.47 21.71 5.49
N ASN A 391 24.53 20.79 5.70
CA ASN A 391 24.49 20.05 6.99
C ASN A 391 24.93 18.60 6.81
N THR A 392 25.06 18.13 5.56
CA THR A 392 25.32 16.70 5.27
C THR A 392 25.80 16.58 3.83
N GLU A 393 26.76 15.69 3.59
CA GLU A 393 27.20 15.35 2.21
C GLU A 393 26.12 14.59 1.43
N ARG A 394 25.20 13.87 2.10
CA ARG A 394 24.10 13.09 1.44
C ARG A 394 22.76 13.50 2.03
N PRO A 395 22.11 14.59 1.56
CA PRO A 395 20.78 14.94 2.03
C PRO A 395 19.77 13.83 1.68
N ILE A 396 19.00 13.40 2.66
CA ILE A 396 17.86 12.49 2.45
C ILE A 396 16.62 13.37 2.26
N ILE A 397 15.98 13.23 1.10
CA ILE A 397 14.79 14.03 0.73
C ILE A 397 13.70 13.08 0.26
N PHE A 398 12.58 13.06 0.96
CA PHE A 398 11.46 12.11 0.70
C PHE A 398 10.19 12.88 0.40
N PRO A 399 9.93 13.32 -0.88
CA PRO A 399 8.68 13.98 -1.24
C PRO A 399 7.61 12.92 -1.43
N LEU A 400 6.89 12.59 -0.36
CA LEU A 400 5.98 11.40 -0.32
C LEU A 400 4.52 11.78 -0.57
N SER A 401 4.19 13.06 -0.68
CA SER A 401 2.77 13.49 -0.87
C SER A 401 2.27 13.10 -2.26
N ASN A 402 1.15 12.37 -2.26
CA ASN A 402 0.32 11.96 -3.44
C ASN A 402 -0.89 12.89 -3.52
N PRO A 403 -1.50 13.11 -4.71
CA PRO A 403 -0.93 12.70 -6.00
C PRO A 403 0.34 13.47 -6.33
N THR A 404 0.92 13.17 -7.47
CA THR A 404 2.23 13.70 -7.93
C THR A 404 2.27 15.24 -7.89
N SER A 405 1.13 15.94 -7.93
CA SER A 405 1.05 17.43 -7.89
C SER A 405 1.38 17.96 -6.49
N LYS A 406 1.01 17.22 -5.45
CA LYS A 406 1.16 17.61 -4.02
C LYS A 406 2.61 17.41 -3.54
N ALA A 407 3.48 16.80 -4.35
CA ALA A 407 4.82 16.32 -3.94
C ALA A 407 5.69 17.51 -3.56
N GLU A 408 6.51 17.35 -2.52
CA GLU A 408 7.29 18.46 -1.91
C GLU A 408 8.41 18.93 -2.86
N VAL A 409 8.85 18.07 -3.78
CA VAL A 409 9.94 18.36 -4.75
C VAL A 409 10.00 17.20 -5.75
N THR A 410 10.38 17.47 -7.00
CA THR A 410 10.56 16.42 -8.03
C THR A 410 11.90 15.75 -7.73
N PRO A 411 12.03 14.41 -7.83
CA PRO A 411 13.35 13.81 -7.69
C PRO A 411 14.41 14.46 -8.61
N GLU A 412 14.02 14.85 -9.81
CA GLU A 412 14.95 15.51 -10.78
C GLU A 412 15.56 16.78 -10.17
N ASN A 413 14.71 17.69 -9.69
CA ASN A 413 15.14 18.92 -8.96
C ASN A 413 16.03 18.55 -7.77
N ALA A 414 15.66 17.55 -6.96
CA ALA A 414 16.47 17.12 -5.78
C ALA A 414 17.88 16.73 -6.23
N TYR A 415 17.98 15.87 -7.26
CA TYR A 415 19.26 15.35 -7.79
C TYR A 415 20.08 16.52 -8.39
N LYS A 416 19.42 17.39 -9.15
CA LYS A 416 20.08 18.55 -9.81
C LYS A 416 20.69 19.43 -8.72
N TRP A 417 19.86 19.93 -7.79
CA TRP A 417 20.29 20.95 -6.80
C TRP A 417 21.40 20.42 -5.91
N THR A 418 21.49 19.10 -5.76
CA THR A 418 22.49 18.44 -4.89
C THR A 418 23.61 17.83 -5.74
N ASN A 419 23.56 18.03 -7.05
CA ASN A 419 24.56 17.45 -7.99
C ASN A 419 24.72 15.95 -7.71
N GLY A 420 23.61 15.21 -7.51
CA GLY A 420 23.63 13.74 -7.37
C GLY A 420 23.77 13.25 -5.93
N ALA A 421 23.84 14.14 -4.94
CA ALA A 421 24.10 13.75 -3.53
C ALA A 421 22.79 13.34 -2.81
N ALA A 422 21.64 13.88 -3.20
CA ALA A 422 20.35 13.57 -2.53
C ALA A 422 20.05 12.08 -2.64
N ILE A 423 19.67 11.49 -1.49
CA ILE A 423 19.04 10.14 -1.44
C ILE A 423 17.54 10.30 -1.38
N VAL A 424 16.83 9.79 -2.39
CA VAL A 424 15.41 10.16 -2.65
C VAL A 424 14.54 8.93 -2.68
N ALA A 425 13.42 8.98 -1.96
CA ALA A 425 12.32 8.01 -2.13
C ALA A 425 11.07 8.78 -2.48
N SER A 426 10.22 8.23 -3.34
CA SER A 426 9.01 8.92 -3.86
C SER A 426 7.77 8.10 -3.53
N GLY A 427 6.61 8.75 -3.61
CA GLY A 427 5.29 8.09 -3.52
C GLY A 427 4.85 7.53 -4.86
N SER A 428 5.36 8.08 -5.98
CA SER A 428 4.97 7.78 -7.40
C SER A 428 6.20 7.39 -8.20
N PRO A 429 6.06 6.63 -9.31
CA PRO A 429 7.21 6.31 -10.13
C PRO A 429 7.65 7.62 -10.81
N PHE A 430 8.96 7.73 -11.03
CA PHE A 430 9.63 8.84 -11.78
C PHE A 430 10.71 8.23 -12.66
N PRO A 431 10.96 8.80 -13.85
CA PRO A 431 12.06 8.31 -14.68
C PRO A 431 13.41 8.67 -14.04
N PRO A 432 14.48 8.00 -14.52
CA PRO A 432 15.82 8.26 -14.01
C PRO A 432 16.25 9.66 -14.46
N THR A 433 17.15 10.29 -13.72
CA THR A 433 17.84 11.57 -14.05
C THR A 433 19.33 11.28 -14.16
N THR A 434 19.96 11.77 -15.22
CA THR A 434 21.40 11.56 -15.53
C THR A 434 22.14 12.88 -15.31
N ILE A 435 23.19 12.85 -14.51
CA ILE A 435 23.98 14.05 -14.16
C ILE A 435 25.45 13.72 -14.36
N GLY A 436 26.10 14.40 -15.30
CA GLY A 436 27.51 14.14 -15.68
C GLY A 436 27.80 12.68 -15.95
N GLY A 437 26.96 12.01 -16.76
CA GLY A 437 27.16 10.60 -17.14
C GLY A 437 26.73 9.62 -16.05
N LYS A 438 26.36 10.11 -14.86
CA LYS A 438 25.93 9.27 -13.71
C LYS A 438 24.41 9.27 -13.64
N THR A 439 23.82 8.08 -13.49
CA THR A 439 22.33 7.94 -13.49
C THR A 439 21.82 7.81 -12.04
N PHE A 440 20.70 8.50 -11.78
CA PHE A 440 19.97 8.53 -10.49
C PHE A 440 18.48 8.27 -10.76
N LYS A 441 17.87 7.57 -9.83
CA LYS A 441 16.44 7.22 -9.91
C LYS A 441 15.90 7.08 -8.50
N PRO A 442 14.78 7.73 -8.20
CA PRO A 442 14.26 7.67 -6.84
C PRO A 442 13.79 6.24 -6.59
N SER A 443 13.83 5.79 -5.34
CA SER A 443 13.19 4.51 -4.95
C SER A 443 11.74 4.82 -4.58
N GLN A 444 10.82 4.19 -5.28
CA GLN A 444 9.39 4.34 -5.01
C GLN A 444 9.05 3.56 -3.73
N GLY A 445 8.52 4.20 -2.71
CA GLY A 445 7.96 3.53 -1.53
C GLY A 445 6.54 3.03 -1.81
N ASN A 446 6.37 2.04 -2.70
CA ASN A 446 5.02 1.53 -3.03
C ASN A 446 4.51 0.66 -1.85
N ASN A 447 3.22 0.80 -1.51
CA ASN A 447 2.54 -0.01 -0.45
C ASN A 447 2.53 -1.49 -0.84
N LEU A 448 2.63 -1.82 -2.12
CA LEU A 448 2.71 -3.23 -2.60
C LEU A 448 3.85 -3.98 -1.90
N TYR A 449 4.92 -3.31 -1.46
CA TYR A 449 6.07 -3.98 -0.78
C TYR A 449 5.60 -4.70 0.50
N VAL A 450 4.55 -4.24 1.19
CA VAL A 450 4.22 -4.78 2.54
C VAL A 450 2.87 -5.49 2.60
N PHE A 451 1.75 -4.89 2.17
CA PHE A 451 0.40 -5.49 2.44
C PHE A 451 0.33 -6.94 1.90
N PRO A 452 0.82 -7.31 0.69
CA PRO A 452 0.62 -8.69 0.21
C PRO A 452 1.27 -9.71 1.17
N GLY A 453 2.52 -9.46 1.57
CA GLY A 453 3.29 -10.28 2.51
C GLY A 453 2.57 -10.41 3.83
N VAL A 454 2.03 -9.31 4.34
CA VAL A 454 1.27 -9.36 5.62
C VAL A 454 0.05 -10.26 5.42
N GLY A 455 -0.66 -10.09 4.31
CA GLY A 455 -1.88 -10.88 4.05
C GLY A 455 -1.52 -12.33 3.88
N LEU A 456 -0.44 -12.63 3.15
CA LEU A 456 -0.01 -14.04 2.97
C LEU A 456 0.48 -14.60 4.32
N GLY A 457 1.19 -13.83 5.14
CA GLY A 457 1.67 -14.32 6.45
C GLY A 457 0.51 -14.64 7.40
N CYS A 458 -0.47 -13.75 7.45
CA CYS A 458 -1.62 -13.85 8.37
C CYS A 458 -2.57 -14.91 7.82
N ALA A 459 -2.61 -15.11 6.50
CA ALA A 459 -3.40 -16.22 5.91
C ALA A 459 -2.78 -17.56 6.31
N LEU A 460 -1.45 -17.69 6.26
CA LEU A 460 -0.82 -18.97 6.66
C LEU A 460 -0.80 -19.13 8.19
N ALA A 461 -0.32 -18.15 8.96
CA ALA A 461 -0.12 -18.29 10.42
C ALA A 461 -1.45 -18.30 11.14
N GLN A 462 -2.48 -17.68 10.57
CA GLN A 462 -3.79 -17.60 11.23
C GLN A 462 -3.61 -16.99 12.63
N PRO A 463 -3.05 -15.79 12.80
CA PRO A 463 -2.91 -15.23 14.15
C PRO A 463 -4.28 -14.78 14.68
N THR A 464 -4.46 -14.73 15.98
CA THR A 464 -5.76 -14.32 16.58
C THR A 464 -6.00 -12.85 16.25
N HIS A 465 -4.95 -12.08 16.06
CA HIS A 465 -5.07 -10.65 15.69
C HIS A 465 -3.73 -10.22 15.08
N ILE A 466 -3.62 -8.98 14.62
CA ILE A 466 -2.41 -8.46 13.93
C ILE A 466 -1.88 -7.34 14.82
N PRO A 467 -1.08 -7.66 15.87
CA PRO A 467 -0.52 -6.59 16.69
C PRO A 467 0.57 -5.86 15.91
N GLU A 468 0.97 -4.71 16.41
CA GLU A 468 1.88 -3.76 15.72
C GLU A 468 3.24 -4.45 15.53
N GLU A 469 3.61 -5.40 16.37
CA GLU A 469 4.84 -6.23 16.19
C GLU A 469 4.87 -6.86 14.78
N LEU A 470 3.76 -7.39 14.25
CA LEU A 470 3.80 -8.06 12.92
C LEU A 470 4.09 -7.05 11.83
N LEU A 471 3.53 -5.84 11.92
CA LEU A 471 3.82 -4.75 10.94
C LEU A 471 5.30 -4.34 11.06
N LEU A 472 5.81 -4.23 12.27
CA LEU A 472 7.22 -3.79 12.48
C LEU A 472 8.18 -4.87 11.92
N THR A 473 7.86 -6.14 12.19
CA THR A 473 8.56 -7.29 11.57
C THR A 473 8.53 -7.16 10.06
N ALA A 474 7.40 -6.83 9.43
CA ALA A 474 7.34 -6.77 7.95
C ALA A 474 8.24 -5.64 7.45
N SER A 475 8.18 -4.49 8.12
CA SER A 475 9.02 -3.29 7.88
C SER A 475 10.51 -3.67 7.90
N GLU A 476 10.97 -4.38 8.95
CA GLU A 476 12.38 -4.82 9.11
C GLU A 476 12.74 -5.80 7.98
N SER A 477 11.85 -6.76 7.71
CA SER A 477 12.05 -7.78 6.67
C SER A 477 12.26 -7.08 5.33
N LEU A 478 11.41 -6.12 5.00
CA LEU A 478 11.58 -5.38 3.73
C LEU A 478 12.94 -4.67 3.72
N ASN A 479 13.30 -4.02 4.82
CA ASN A 479 14.57 -3.26 4.93
C ASN A 479 15.74 -4.21 4.60
N LEU A 480 15.74 -5.40 5.23
CA LEU A 480 16.84 -6.39 5.15
C LEU A 480 16.86 -7.07 3.78
N LEU A 481 15.78 -7.04 3.00
CA LEU A 481 15.81 -7.58 1.62
C LEU A 481 16.60 -6.70 0.67
N THR A 482 16.89 -5.45 0.99
CA THR A 482 17.65 -4.64 0.01
C THR A 482 19.10 -5.12 0.08
N THR A 483 19.61 -5.70 -0.99
CA THR A 483 20.92 -6.40 -1.00
C THR A 483 22.06 -5.36 -0.99
N GLU A 484 23.27 -5.82 -0.66
CA GLU A 484 24.52 -5.03 -0.79
C GLU A 484 24.55 -4.44 -2.20
N GLY A 485 24.15 -5.21 -3.21
CA GLY A 485 24.19 -4.77 -4.62
C GLY A 485 23.17 -3.67 -4.89
N ASP A 486 21.91 -3.89 -4.53
CA ASP A 486 20.83 -2.88 -4.51
C ASP A 486 21.42 -1.62 -3.82
N LEU A 487 22.01 -1.75 -2.63
CA LEU A 487 22.47 -0.56 -1.86
C LEU A 487 23.61 0.14 -2.57
N ARG A 488 24.57 -0.62 -3.12
CA ARG A 488 25.70 -0.02 -3.86
C ARG A 488 25.12 0.77 -5.04
N GLU A 489 24.01 0.33 -5.67
CA GLU A 489 23.41 1.04 -6.84
C GLU A 489 22.44 2.15 -6.40
N GLY A 490 22.32 2.44 -5.11
CA GLY A 490 21.48 3.57 -4.62
C GLY A 490 20.01 3.20 -4.38
N ARG A 491 19.66 1.90 -4.38
CA ARG A 491 18.24 1.46 -4.17
C ARG A 491 18.00 1.36 -2.67
N LEU A 492 16.83 1.81 -2.24
CA LEU A 492 16.41 1.73 -0.83
C LEU A 492 15.53 0.52 -0.63
N TYR A 493 15.01 -0.07 -1.70
CA TYR A 493 14.10 -1.24 -1.58
C TYR A 493 14.56 -2.34 -2.51
N PRO A 494 14.18 -3.61 -2.24
CA PRO A 494 14.40 -4.64 -3.25
C PRO A 494 13.61 -4.20 -4.47
N PRO A 495 13.92 -4.77 -5.65
CA PRO A 495 13.20 -4.38 -6.86
C PRO A 495 11.70 -4.79 -6.84
N LEU A 496 10.84 -3.91 -7.30
CA LEU A 496 9.38 -4.14 -7.29
C LEU A 496 9.06 -5.39 -8.12
N GLU A 497 9.84 -5.66 -9.17
CA GLU A 497 9.59 -6.79 -10.11
C GLU A 497 9.67 -8.13 -9.35
N ASP A 498 10.38 -8.16 -8.21
CA ASP A 498 10.73 -9.40 -7.45
C ASP A 498 9.71 -9.57 -6.33
N ILE A 499 8.54 -8.99 -6.52
CA ILE A 499 7.49 -8.89 -5.47
C ILE A 499 7.15 -10.27 -4.91
N HIS A 500 7.20 -11.34 -5.70
CA HIS A 500 6.86 -12.68 -5.18
C HIS A 500 7.85 -13.10 -4.09
N ASN A 501 9.14 -13.06 -4.41
CA ASN A 501 10.23 -13.31 -3.43
C ASN A 501 10.09 -12.37 -2.22
N ILE A 502 9.80 -11.08 -2.43
CA ILE A 502 9.64 -10.07 -1.33
C ILE A 502 8.49 -10.52 -0.46
N SER A 503 7.35 -10.80 -1.07
CA SER A 503 6.15 -11.23 -0.31
C SER A 503 6.47 -12.51 0.48
N ALA A 504 7.16 -13.47 -0.12
CA ALA A 504 7.41 -14.77 0.56
C ALA A 504 8.26 -14.52 1.82
N ASN A 505 9.25 -13.64 1.71
CA ASN A 505 10.19 -13.27 2.82
C ASN A 505 9.43 -12.48 3.89
N VAL A 506 8.57 -11.56 3.49
CA VAL A 506 7.84 -10.72 4.46
C VAL A 506 6.90 -11.64 5.22
N ALA A 507 6.23 -12.52 4.49
CA ALA A 507 5.26 -13.48 5.06
C ALA A 507 5.97 -14.41 6.06
N THR A 508 7.12 -14.92 5.68
CA THR A 508 7.90 -15.84 6.53
C THR A 508 8.22 -15.15 7.87
N ASP A 509 8.72 -13.91 7.80
CA ASP A 509 9.17 -13.16 9.01
C ASP A 509 7.92 -12.80 9.82
N VAL A 510 6.82 -12.40 9.18
CA VAL A 510 5.53 -12.17 9.90
C VAL A 510 5.09 -13.44 10.63
N ILE A 511 5.14 -14.59 9.96
CA ILE A 511 4.78 -15.89 10.60
C ILE A 511 5.69 -16.16 11.81
N LEU A 512 7.01 -16.02 11.65
CA LEU A 512 7.97 -16.33 12.73
C LEU A 512 7.68 -15.44 13.94
N GLU A 513 7.40 -14.15 13.71
CA GLU A 513 6.93 -13.21 14.75
C GLU A 513 5.64 -13.70 15.43
N ALA A 514 4.63 -14.13 14.68
CA ALA A 514 3.38 -14.60 15.31
C ALA A 514 3.68 -15.86 16.12
N GLN A 515 4.59 -16.71 15.64
CA GLN A 515 5.03 -17.93 16.39
C GLN A 515 5.71 -17.52 17.72
N ARG A 516 6.70 -16.61 17.71
CA ARG A 516 7.40 -16.05 18.91
C ARG A 516 6.40 -15.50 19.94
N MET A 517 5.29 -14.91 19.49
CA MET A 517 4.24 -14.30 20.35
C MET A 517 3.17 -15.33 20.73
N LYS A 518 3.21 -16.57 20.19
CA LYS A 518 2.23 -17.68 20.42
C LYS A 518 0.77 -17.22 20.13
N ILE A 519 0.56 -16.43 19.08
CA ILE A 519 -0.79 -15.99 18.61
C ILE A 519 -1.13 -16.75 17.30
N ASP A 520 -0.19 -17.53 16.77
CA ASP A 520 -0.39 -18.31 15.52
C ASP A 520 -1.30 -19.48 15.83
N ASN A 521 -2.25 -19.78 14.95
CA ASN A 521 -3.26 -20.84 15.20
C ASN A 521 -3.05 -22.00 14.22
N ASN A 522 -2.09 -21.91 13.27
CA ASN A 522 -1.80 -23.00 12.30
C ASN A 522 -0.53 -23.79 12.72
N LYS A 523 -0.74 -25.01 13.22
CA LYS A 523 0.33 -25.87 13.78
C LYS A 523 1.02 -26.64 12.65
N LYS A 524 0.54 -26.50 11.41
CA LYS A 524 1.16 -27.28 10.30
C LYS A 524 2.46 -26.63 9.84
N LEU A 525 2.72 -25.36 10.20
CA LEU A 525 3.80 -24.59 9.53
C LEU A 525 5.18 -24.97 10.06
N PRO A 526 6.23 -24.92 9.24
CA PRO A 526 7.58 -25.00 9.79
C PRO A 526 7.84 -23.82 10.74
N ARG A 527 8.83 -23.92 11.64
CA ARG A 527 9.09 -22.91 12.71
C ARG A 527 10.49 -22.34 12.61
N THR A 528 11.22 -22.76 11.57
CA THR A 528 12.61 -22.35 11.29
C THR A 528 12.54 -21.66 9.94
N ARG A 529 13.34 -20.60 9.75
CA ARG A 529 13.18 -19.65 8.65
C ARG A 529 13.40 -20.35 7.29
N ASP A 530 14.51 -21.05 7.07
CA ASP A 530 14.79 -21.62 5.71
C ASP A 530 13.63 -22.53 5.26
N GLU A 531 13.20 -23.45 6.12
CA GLU A 531 12.17 -24.49 5.80
C GLU A 531 10.83 -23.77 5.58
N LEU A 532 10.51 -22.75 6.39
CA LEU A 532 9.25 -21.97 6.33
C LEU A 532 9.24 -21.14 5.04
N LEU A 533 10.33 -20.44 4.72
CA LEU A 533 10.42 -19.67 3.46
C LEU A 533 10.14 -20.61 2.28
N ALA A 534 10.75 -21.80 2.21
CA ALA A 534 10.52 -22.78 1.12
C ALA A 534 9.04 -23.15 1.09
N PHE A 535 8.43 -23.35 2.25
CA PHE A 535 7.01 -23.75 2.36
C PHE A 535 6.05 -22.65 1.89
N VAL A 536 6.33 -21.41 2.30
CA VAL A 536 5.56 -20.18 1.92
C VAL A 536 5.59 -20.04 0.39
N LYS A 537 6.76 -20.18 -0.24
CA LYS A 537 6.89 -20.02 -1.71
C LYS A 537 6.02 -21.03 -2.44
N LYS A 538 5.98 -22.29 -1.98
CA LYS A 538 5.18 -23.37 -2.62
C LYS A 538 3.68 -23.14 -2.42
N ALA A 539 3.28 -22.49 -1.34
CA ALA A 539 1.85 -22.21 -1.05
C ALA A 539 1.29 -21.13 -2.00
N MET A 540 2.15 -20.31 -2.61
CA MET A 540 1.72 -19.08 -3.32
C MET A 540 1.09 -19.47 -4.65
N TRP A 541 -0.04 -18.86 -5.00
CA TRP A 541 -0.69 -19.03 -6.33
C TRP A 541 0.18 -18.36 -7.40
N LYS A 542 0.49 -19.08 -8.48
CA LYS A 542 1.40 -18.63 -9.55
C LYS A 542 0.57 -18.44 -10.81
N PRO A 543 0.70 -17.32 -11.55
CA PRO A 543 -0.05 -17.14 -12.78
C PRO A 543 0.64 -17.90 -13.92
N VAL A 544 0.56 -19.24 -13.85
CA VAL A 544 1.10 -20.11 -14.93
C VAL A 544 0.01 -21.13 -15.22
N TYR A 545 0.01 -21.75 -16.39
CA TYR A 545 -1.01 -22.79 -16.71
C TYR A 545 -0.66 -24.10 -15.98
N SER A 546 -1.43 -24.44 -14.95
CA SER A 546 -1.21 -25.58 -14.01
C SER A 546 -2.13 -26.77 -14.36
N GLY A 547 -3.38 -26.48 -14.71
CA GLY A 547 -4.54 -27.38 -14.55
C GLY A 547 -5.22 -27.13 -13.21
#